data_3HRF
#
_entry.id   3HRF
#
_cell.length_a   148.550
_cell.length_b   44.000
_cell.length_c   47.240
_cell.angle_alpha   90.000
_cell.angle_beta   100.420
_cell.angle_gamma   90.000
#
_symmetry.space_group_name_H-M   'C 1 2 1'
#
loop_
_entity.id
_entity.type
_entity.pdbx_description
1 polymer '3-phosphoinositide-dependent protein kinase 1'
2 non-polymer "ADENOSINE-5'-TRIPHOSPHATE"
3 non-polymer '(2Z)-5-(4-chlorophenyl)-3-phenylpent-2-enoic acid'
4 non-polymer '4-(2-HYDROXYETHYL)-1-PIPERAZINE ETHANESULFONIC ACID'
5 water water
#
_entity_poly.entity_id   1
_entity_poly.type   'polypeptide(L)'
_entity_poly.pdbx_seq_one_letter_code
;GAMDGTAAEPRPGAGSLQHAQPPPQPRKKRPEDFKFGKILGEGSFSTVVLARELATSREYAIKILEKRHIIKENKVPYVT
RERDVMSRLDHPFFVKLYFTFQDDEKLYFGLSYAKNGELLKYIRKIGSFDETCTRFYTAEIVSALEYLHGKGIIHRDLKP
ENILLNEDMHIQITDFGTAKVLSPESKQARAN(SEP)FVGTAQYVSPELLTEKSACKSSDLWALGCIIYQLVAGLPPFRA
GNEGLIFAKIIKLEYDFPEKFFPKARDLVEKLLVLDATKRLGCEEMEGYGPLKAHPFFESVTWENLHQQTPPKLT
;
_entity_poly.pdbx_strand_id   A
#
loop_
_chem_comp.id
_chem_comp.type
_chem_comp.name
_chem_comp.formula
ATP non-polymer ADENOSINE-5'-TRIPHOSPHATE 'C10 H16 N5 O13 P3'
EPE non-polymer '4-(2-HYDROXYETHYL)-1-PIPERAZINE ETHANESULFONIC ACID' 'C8 H18 N2 O4 S'
P47 non-polymer '(2Z)-5-(4-chlorophenyl)-3-phenylpent-2-enoic acid' 'C17 H15 Cl O2'
#
# COMPACT_ATOMS: atom_id res chain seq x y z
N ARG A 27 -30.41 4.32 4.14
CA ARG A 27 -30.77 2.99 3.58
C ARG A 27 -29.57 2.44 2.81
N LYS A 28 -29.22 1.20 3.13
CA LYS A 28 -28.08 0.53 2.51
C LYS A 28 -28.36 0.30 1.04
N LYS A 29 -27.31 0.32 0.22
CA LYS A 29 -27.49 0.03 -1.18
C LYS A 29 -27.74 -1.48 -1.35
N ARG A 30 -28.18 -1.86 -2.54
CA ARG A 30 -28.55 -3.23 -2.85
C ARG A 30 -27.90 -3.59 -4.18
N PRO A 31 -27.68 -4.89 -4.46
CA PRO A 31 -27.10 -5.24 -5.75
C PRO A 31 -27.89 -4.69 -6.94
N GLU A 32 -29.21 -4.69 -6.87
CA GLU A 32 -30.09 -4.17 -7.95
C GLU A 32 -29.96 -2.67 -8.23
N ASP A 33 -29.21 -1.95 -7.39
CA ASP A 33 -28.99 -0.52 -7.61
C ASP A 33 -27.87 -0.25 -8.62
N PHE A 34 -27.22 -1.31 -9.09
CA PHE A 34 -26.04 -1.20 -9.96
C PHE A 34 -26.17 -2.04 -11.21
N LYS A 35 -25.54 -1.57 -12.29
CA LYS A 35 -25.32 -2.39 -13.47
C LYS A 35 -23.85 -2.79 -13.36
N PHE A 36 -23.58 -4.09 -13.37
CA PHE A 36 -22.20 -4.58 -13.23
C PHE A 36 -21.58 -4.81 -14.59
N GLY A 37 -20.29 -4.52 -14.70
CA GLY A 37 -19.56 -4.69 -15.94
C GLY A 37 -18.42 -5.66 -15.78
N LYS A 38 -17.24 -5.26 -16.29
CA LYS A 38 -16.08 -6.10 -16.33
C LYS A 38 -15.48 -6.37 -14.94
N ILE A 39 -14.89 -7.55 -14.82
CA ILE A 39 -14.04 -7.85 -13.68
C ILE A 39 -12.76 -7.04 -13.80
N LEU A 40 -12.41 -6.38 -12.71
CA LEU A 40 -11.23 -5.54 -12.62
C LEU A 40 -10.06 -6.32 -12.08
N GLY A 41 -10.34 -7.32 -11.26
CA GLY A 41 -9.29 -8.15 -10.65
C GLY A 41 -9.88 -9.21 -9.75
N GLU A 42 -9.06 -10.20 -9.43
CA GLU A 42 -9.51 -11.31 -8.60
C GLU A 42 -8.49 -11.50 -7.50
N GLY A 43 -8.98 -11.66 -6.27
CA GLY A 43 -8.14 -12.06 -5.15
C GLY A 43 -8.41 -13.50 -4.83
N SER A 44 -7.75 -14.01 -3.77
CA SER A 44 -7.95 -15.39 -3.31
C SER A 44 -9.41 -15.62 -2.93
N PHE A 45 -10.00 -14.62 -2.28
CA PHE A 45 -11.34 -14.76 -1.70
C PHE A 45 -12.34 -13.72 -2.19
N SER A 46 -11.99 -13.04 -3.29
CA SER A 46 -12.74 -11.87 -3.74
C SER A 46 -12.61 -11.62 -5.24
N THR A 47 -13.60 -10.89 -5.75
CA THR A 47 -13.62 -10.42 -7.13
C THR A 47 -13.99 -8.94 -7.08
N VAL A 48 -13.29 -8.13 -7.85
CA VAL A 48 -13.59 -6.71 -7.93
C VAL A 48 -14.17 -6.44 -9.31
N VAL A 49 -15.38 -5.87 -9.33
CA VAL A 49 -16.14 -5.68 -10.56
C VAL A 49 -16.45 -4.19 -10.75
N LEU A 50 -16.33 -3.70 -11.99
CA LEU A 50 -16.74 -2.34 -12.30
C LEU A 50 -18.26 -2.25 -12.28
N ALA A 51 -18.83 -1.23 -11.62
CA ALA A 51 -20.25 -1.13 -11.54
C ALA A 51 -20.66 0.31 -11.72
N ARG A 52 -21.81 0.51 -12.34
CA ARG A 52 -22.37 1.84 -12.45
C ARG A 52 -23.63 1.90 -11.61
N GLU A 53 -23.70 2.86 -10.71
CA GLU A 53 -24.89 3.04 -9.92
C GLU A 53 -26.00 3.62 -10.80
N LEU A 54 -27.15 2.95 -10.85
CA LEU A 54 -28.21 3.33 -11.78
C LEU A 54 -28.79 4.73 -11.51
N ALA A 55 -29.01 5.08 -10.25
CA ALA A 55 -29.65 6.37 -9.94
C ALA A 55 -28.78 7.60 -10.19
N THR A 56 -27.46 7.40 -10.25
CA THR A 56 -26.50 8.49 -10.35
C THR A 56 -25.54 8.41 -11.55
N SER A 57 -25.44 7.24 -12.19
CA SER A 57 -24.39 6.99 -13.21
C SER A 57 -22.95 7.01 -12.72
N ARG A 58 -22.76 7.06 -11.42
CA ARG A 58 -21.41 6.97 -10.86
C ARG A 58 -20.82 5.58 -11.04
N GLU A 59 -19.51 5.55 -11.26
CA GLU A 59 -18.76 4.29 -11.38
C GLU A 59 -18.03 3.97 -10.09
N TYR A 60 -18.11 2.71 -9.67
CA TYR A 60 -17.42 2.23 -8.48
C TYR A 60 -16.73 0.94 -8.84
N ALA A 61 -15.65 0.66 -8.13
CA ALA A 61 -15.10 -0.69 -8.14
C ALA A 61 -15.74 -1.41 -6.96
N ILE A 62 -16.52 -2.46 -7.23
CA ILE A 62 -17.19 -3.15 -6.15
C ILE A 62 -16.53 -4.50 -5.85
N LYS A 63 -16.02 -4.65 -4.63
CA LYS A 63 -15.36 -5.88 -4.20
C LYS A 63 -16.39 -6.78 -3.56
N ILE A 64 -16.52 -7.99 -4.09
CA ILE A 64 -17.56 -8.92 -3.70
C ILE A 64 -16.92 -10.17 -3.15
N LEU A 65 -17.45 -10.62 -2.03
CA LEU A 65 -17.00 -11.86 -1.40
C LEU A 65 -18.21 -12.73 -1.10
N GLU A 66 -18.03 -14.05 -1.23
CA GLU A 66 -19.11 -15.00 -0.91
CA GLU A 66 -19.11 -15.00 -0.93
C GLU A 66 -19.07 -15.34 0.57
N LYS A 67 -20.20 -15.17 1.24
CA LYS A 67 -20.29 -15.43 2.69
C LYS A 67 -19.87 -16.86 3.09
N ARG A 68 -20.48 -17.86 2.46
CA ARG A 68 -20.13 -19.27 2.70
C ARG A 68 -18.63 -19.51 2.56
N HIS A 69 -18.04 -18.99 1.50
CA HIS A 69 -16.63 -19.19 1.21
C HIS A 69 -15.71 -18.61 2.29
N ILE A 70 -15.97 -17.36 2.71
CA ILE A 70 -15.11 -16.73 3.71
C ILE A 70 -15.31 -17.34 5.10
N ILE A 71 -16.53 -17.81 5.39
CA ILE A 71 -16.83 -18.51 6.64
C ILE A 71 -16.09 -19.85 6.68
N LYS A 72 -16.19 -20.61 5.58
CA LYS A 72 -15.51 -21.89 5.48
C LYS A 72 -13.99 -21.76 5.51
N GLU A 73 -13.46 -20.67 4.98
CA GLU A 73 -12.01 -20.50 4.92
C GLU A 73 -11.44 -19.67 6.08
N ASN A 74 -12.24 -19.47 7.13
CA ASN A 74 -11.82 -18.66 8.29
C ASN A 74 -11.31 -17.27 7.89
N LYS A 75 -11.91 -16.66 6.88
CA LYS A 75 -11.41 -15.37 6.41
C LYS A 75 -12.24 -14.16 6.91
N VAL A 76 -13.22 -14.41 7.76
CA VAL A 76 -14.10 -13.32 8.20
C VAL A 76 -13.34 -12.16 8.86
N PRO A 77 -12.32 -12.43 9.71
CA PRO A 77 -11.72 -11.26 10.35
C PRO A 77 -10.95 -10.39 9.38
N TYR A 78 -10.55 -10.94 8.23
CA TYR A 78 -9.91 -10.13 7.18
C TYR A 78 -10.91 -9.14 6.56
N VAL A 79 -12.15 -9.56 6.42
CA VAL A 79 -13.19 -8.76 5.81
C VAL A 79 -13.66 -7.64 6.73
N THR A 80 -13.86 -7.98 8.00
CA THR A 80 -14.23 -6.98 8.99
C THR A 80 -13.05 -6.03 9.23
N ARG A 81 -11.82 -6.54 9.23
CA ARG A 81 -10.65 -5.65 9.36
C ARG A 81 -10.61 -4.65 8.21
N GLU A 82 -10.76 -5.13 6.98
CA GLU A 82 -10.77 -4.23 5.83
C GLU A 82 -11.81 -3.11 5.97
N ARG A 83 -13.04 -3.47 6.31
CA ARG A 83 -14.11 -2.47 6.46
C ARG A 83 -13.75 -1.47 7.56
N ASP A 84 -13.32 -1.99 8.69
CA ASP A 84 -13.05 -1.15 9.85
C ASP A 84 -11.90 -0.17 9.59
N VAL A 85 -10.81 -0.64 8.97
CA VAL A 85 -9.67 0.23 8.69
C VAL A 85 -10.06 1.26 7.63
N MET A 86 -10.67 0.83 6.53
CA MET A 86 -11.04 1.77 5.46
C MET A 86 -12.04 2.83 5.89
N SER A 87 -12.94 2.51 6.82
CA SER A 87 -13.92 3.47 7.33
CA SER A 87 -13.91 3.48 7.29
C SER A 87 -13.25 4.63 8.03
N ARG A 88 -12.00 4.45 8.46
CA ARG A 88 -11.28 5.49 9.21
C ARG A 88 -10.50 6.47 8.31
N LEU A 89 -10.42 6.15 7.03
CA LEU A 89 -9.52 6.84 6.13
C LEU A 89 -10.26 7.83 5.26
N ASP A 90 -9.67 9.00 5.13
CA ASP A 90 -10.23 10.07 4.34
C ASP A 90 -9.08 10.94 3.80
N HIS A 91 -8.46 10.49 2.71
CA HIS A 91 -7.23 11.09 2.18
C HIS A 91 -7.14 10.81 0.69
N PRO A 92 -6.64 11.78 -0.09
CA PRO A 92 -6.62 11.62 -1.56
C PRO A 92 -5.77 10.45 -2.06
N PHE A 93 -4.83 9.94 -1.25
CA PHE A 93 -3.94 8.90 -1.78
C PHE A 93 -4.34 7.50 -1.37
N PHE A 94 -5.58 7.33 -0.92
CA PHE A 94 -6.10 6.00 -0.57
C PHE A 94 -7.38 5.74 -1.31
N VAL A 95 -7.56 4.48 -1.68
CA VAL A 95 -8.84 4.00 -2.20
C VAL A 95 -9.87 4.29 -1.13
N LYS A 96 -11.02 4.83 -1.54
CA LYS A 96 -12.04 5.27 -0.58
C LYS A 96 -13.14 4.23 -0.53
N LEU A 97 -13.61 3.93 0.67
CA LEU A 97 -14.74 3.06 0.84
C LEU A 97 -15.96 3.94 1.03
N TYR A 98 -16.83 3.93 0.03
CA TYR A 98 -18.02 4.78 0.02
C TYR A 98 -19.21 4.17 0.74
N PHE A 99 -19.34 2.85 0.64
CA PHE A 99 -20.47 2.13 1.21
C PHE A 99 -20.18 0.64 1.26
N THR A 100 -20.91 -0.06 2.12
CA THR A 100 -20.92 -1.51 2.15
C THR A 100 -22.39 -1.97 2.17
N PHE A 101 -22.63 -3.18 1.67
CA PHE A 101 -23.93 -3.81 1.82
C PHE A 101 -23.77 -5.31 1.71
N GLN A 102 -24.86 -6.04 1.89
CA GLN A 102 -24.77 -7.47 1.84
C GLN A 102 -26.07 -7.98 1.25
N ASP A 103 -26.05 -9.17 0.66
CA ASP A 103 -27.31 -9.86 0.40
C ASP A 103 -27.25 -11.22 1.07
N ASP A 104 -28.12 -12.13 0.66
CA ASP A 104 -28.17 -13.44 1.32
C ASP A 104 -26.85 -14.20 1.23
N GLU A 105 -26.15 -14.09 0.10
CA GLU A 105 -24.96 -14.90 -0.15
C GLU A 105 -23.65 -14.12 -0.14
N LYS A 106 -23.73 -12.79 -0.28
CA LYS A 106 -22.54 -11.97 -0.57
C LYS A 106 -22.40 -10.71 0.25
N LEU A 107 -21.15 -10.27 0.35
CA LEU A 107 -20.75 -9.00 0.97
C LEU A 107 -20.19 -8.13 -0.15
N TYR A 108 -20.44 -6.81 -0.06
CA TYR A 108 -20.02 -5.87 -1.10
C TYR A 108 -19.38 -4.65 -0.48
N PHE A 109 -18.20 -4.32 -0.98
CA PHE A 109 -17.53 -3.06 -0.64
C PHE A 109 -17.65 -2.14 -1.85
N GLY A 110 -18.24 -0.96 -1.70
CA GLY A 110 -18.23 0.05 -2.75
C GLY A 110 -17.02 0.96 -2.67
N LEU A 111 -16.10 0.79 -3.62
CA LEU A 111 -14.79 1.49 -3.58
C LEU A 111 -14.64 2.48 -4.72
N SER A 112 -13.75 3.46 -4.54
CA SER A 112 -13.40 4.33 -5.64
C SER A 112 -12.70 3.49 -6.71
N TYR A 113 -12.94 3.81 -7.97
CA TYR A 113 -12.38 3.07 -9.11
C TYR A 113 -11.04 3.68 -9.50
N ALA A 114 -9.97 2.91 -9.35
CA ALA A 114 -8.65 3.38 -9.77
C ALA A 114 -8.45 2.84 -11.17
N LYS A 115 -8.76 3.68 -12.16
CA LYS A 115 -8.89 3.28 -13.54
C LYS A 115 -7.61 2.73 -14.11
N ASN A 116 -6.48 3.25 -13.65
CA ASN A 116 -5.21 2.91 -14.26
C ASN A 116 -4.53 1.68 -13.64
N GLY A 117 -5.16 1.10 -12.63
CA GLY A 117 -4.71 -0.19 -12.09
C GLY A 117 -3.43 -0.12 -11.28
N GLU A 118 -2.69 -1.22 -11.24
CA GLU A 118 -1.57 -1.38 -10.30
C GLU A 118 -0.32 -0.67 -10.77
N LEU A 119 0.38 -0.03 -9.85
CA LEU A 119 1.70 0.54 -10.14
C LEU A 119 2.68 -0.51 -10.70
N LEU A 120 2.59 -1.74 -10.19
CA LEU A 120 3.53 -2.80 -10.58
C LEU A 120 3.62 -2.94 -12.09
N LYS A 121 2.49 -2.92 -12.78
CA LYS A 121 2.55 -3.16 -14.21
C LYS A 121 3.29 -2.07 -14.97
N TYR A 122 3.33 -0.85 -14.44
CA TYR A 122 4.10 0.22 -15.05
C TYR A 122 5.59 -0.01 -14.87
N ILE A 123 5.98 -0.51 -13.71
CA ILE A 123 7.38 -0.85 -13.48
C ILE A 123 7.83 -1.92 -14.48
N ARG A 124 6.99 -2.94 -14.67
CA ARG A 124 7.36 -4.03 -15.58
C ARG A 124 7.48 -3.60 -17.04
N LYS A 125 6.53 -2.79 -17.49
CA LYS A 125 6.52 -2.37 -18.89
C LYS A 125 7.61 -1.34 -19.21
N ILE A 126 7.83 -0.38 -18.31
CA ILE A 126 8.83 0.65 -18.51
C ILE A 126 10.22 0.16 -18.09
N GLY A 127 10.26 -0.69 -17.06
CA GLY A 127 11.51 -1.30 -16.62
C GLY A 127 12.07 -0.61 -15.40
N SER A 128 12.07 0.73 -15.42
N SER A 128 12.00 0.70 -15.41
CA SER A 128 12.79 1.56 -14.43
CA SER A 128 12.27 1.46 -14.23
C SER A 128 12.42 3.04 -14.55
C SER A 128 11.76 2.82 -14.51
N PHE A 129 11.85 3.64 -13.48
CA PHE A 129 11.41 5.03 -13.52
C PHE A 129 12.58 5.99 -13.50
N ASP A 130 12.47 7.09 -14.24
CA ASP A 130 13.49 8.14 -14.13
C ASP A 130 13.43 8.85 -12.76
N GLU A 131 14.35 9.77 -12.51
CA GLU A 131 14.42 10.31 -11.15
C GLU A 131 13.20 11.15 -10.79
N THR A 132 12.72 11.95 -11.73
CA THR A 132 11.54 12.78 -11.48
C THR A 132 10.29 11.95 -11.16
N CYS A 133 10.06 10.86 -11.91
CA CYS A 133 8.93 9.97 -11.62
C CYS A 133 9.12 9.21 -10.32
N THR A 134 10.35 8.73 -10.08
CA THR A 134 10.64 8.08 -8.80
C THR A 134 10.36 9.05 -7.67
N ARG A 135 10.87 10.27 -7.78
CA ARG A 135 10.68 11.26 -6.72
C ARG A 135 9.20 11.55 -6.46
N PHE A 136 8.44 11.74 -7.55
CA PHE A 136 7.01 12.09 -7.46
C PHE A 136 6.20 10.99 -6.77
N TYR A 137 6.33 9.77 -7.26
CA TYR A 137 5.59 8.67 -6.69
C TYR A 137 6.07 8.34 -5.29
N THR A 138 7.36 8.44 -5.03
CA THR A 138 7.88 8.23 -3.65
C THR A 138 7.26 9.27 -2.71
N ALA A 139 7.22 10.53 -3.17
CA ALA A 139 6.66 11.61 -2.35
C ALA A 139 5.19 11.36 -2.04
N GLU A 140 4.41 10.91 -3.03
CA GLU A 140 3.01 10.60 -2.78
C GLU A 140 2.85 9.47 -1.76
N ILE A 141 3.69 8.43 -1.88
CA ILE A 141 3.68 7.33 -0.90
C ILE A 141 4.06 7.82 0.48
N VAL A 142 5.11 8.63 0.56
CA VAL A 142 5.48 9.22 1.84
C VAL A 142 4.32 10.05 2.45
N SER A 143 3.68 10.87 1.63
CA SER A 143 2.55 11.68 2.09
C SER A 143 1.39 10.80 2.61
N ALA A 144 1.10 9.69 1.92
CA ALA A 144 0.11 8.72 2.34
C ALA A 144 0.47 8.06 3.66
N LEU A 145 1.73 7.65 3.80
CA LEU A 145 2.15 6.97 5.02
C LEU A 145 2.15 7.89 6.23
N GLU A 146 2.55 9.15 6.02
CA GLU A 146 2.47 10.13 7.08
C GLU A 146 1.03 10.22 7.63
N TYR A 147 0.05 10.29 6.72
CA TYR A 147 -1.37 10.34 7.12
C TYR A 147 -1.78 9.06 7.86
N LEU A 148 -1.43 7.92 7.27
CA LEU A 148 -1.76 6.60 7.85
C LEU A 148 -1.16 6.41 9.24
N HIS A 149 0.13 6.68 9.38
CA HIS A 149 0.78 6.56 10.68
C HIS A 149 0.31 7.58 11.70
N GLY A 150 -0.14 8.73 11.20
CA GLY A 150 -0.72 9.75 12.09
C GLY A 150 -2.04 9.32 12.70
N LYS A 151 -2.76 8.42 12.03
CA LYS A 151 -3.97 7.79 12.54
C LYS A 151 -3.68 6.51 13.35
N GLY A 152 -2.42 6.16 13.48
CA GLY A 152 -2.03 4.98 14.26
C GLY A 152 -2.29 3.68 13.55
N ILE A 153 -2.26 3.70 12.21
CA ILE A 153 -2.53 2.53 11.42
C ILE A 153 -1.24 2.05 10.73
N ILE A 154 -0.95 0.75 10.80
CA ILE A 154 0.17 0.17 10.03
C ILE A 154 -0.45 -0.53 8.81
N HIS A 155 0.11 -0.32 7.63
CA HIS A 155 -0.42 -0.99 6.44
C HIS A 155 -0.04 -2.50 6.43
N ARG A 156 1.26 -2.76 6.56
CA ARG A 156 1.86 -4.12 6.63
C ARG A 156 1.98 -4.89 5.32
N ASP A 157 1.35 -4.40 4.26
CA ASP A 157 1.48 -5.06 2.99
C ASP A 157 1.70 -4.03 1.90
N LEU A 158 2.57 -3.07 2.17
CA LEU A 158 2.83 -2.04 1.16
C LEU A 158 3.71 -2.61 0.06
N LYS A 159 3.26 -2.49 -1.19
CA LYS A 159 3.98 -3.04 -2.34
C LYS A 159 3.31 -2.50 -3.61
N PRO A 160 4.03 -2.53 -4.76
CA PRO A 160 3.50 -1.92 -5.97
C PRO A 160 2.16 -2.48 -6.43
N GLU A 161 1.88 -3.75 -6.12
CA GLU A 161 0.62 -4.37 -6.49
C GLU A 161 -0.54 -3.75 -5.69
N ASN A 162 -0.24 -3.19 -4.52
CA ASN A 162 -1.22 -2.50 -3.67
C ASN A 162 -1.24 -0.98 -3.77
N ILE A 163 -0.53 -0.45 -4.75
CA ILE A 163 -0.57 0.98 -5.00
C ILE A 163 -1.22 1.12 -6.36
N LEU A 164 -2.48 1.55 -6.37
CA LEU A 164 -3.22 1.62 -7.63
C LEU A 164 -3.08 3.05 -8.16
N LEU A 165 -3.52 3.29 -9.38
CA LEU A 165 -3.42 4.61 -9.93
C LEU A 165 -4.76 5.05 -10.47
N ASN A 166 -5.15 6.28 -10.17
CA ASN A 166 -6.43 6.77 -10.67
C ASN A 166 -6.28 7.28 -12.11
N GLU A 167 -7.37 7.75 -12.70
CA GLU A 167 -7.33 8.24 -14.08
C GLU A 167 -6.33 9.39 -14.29
N ASP A 168 -6.04 10.15 -13.23
CA ASP A 168 -5.09 11.27 -13.30
C ASP A 168 -3.65 10.83 -12.99
N MET A 169 -3.47 9.53 -12.72
CA MET A 169 -2.15 8.94 -12.40
C MET A 169 -1.63 9.32 -11.02
N HIS A 170 -2.51 9.74 -10.12
CA HIS A 170 -2.17 9.77 -8.71
C HIS A 170 -2.34 8.40 -8.07
N ILE A 171 -1.60 8.14 -6.99
CA ILE A 171 -1.69 6.87 -6.28
C ILE A 171 -2.97 6.73 -5.47
N GLN A 172 -3.38 5.48 -5.31
CA GLN A 172 -4.54 5.10 -4.52
C GLN A 172 -4.11 3.82 -3.84
N ILE A 173 -3.66 3.94 -2.60
CA ILE A 173 -3.21 2.76 -1.87
C ILE A 173 -4.41 1.94 -1.42
N THR A 174 -4.28 0.62 -1.54
CA THR A 174 -5.39 -0.27 -1.25
C THR A 174 -4.93 -1.44 -0.39
N ASP A 175 -5.85 -2.38 -0.12
CA ASP A 175 -5.56 -3.65 0.56
C ASP A 175 -5.36 -3.46 2.06
N PHE A 176 -6.47 -3.29 2.78
CA PHE A 176 -6.41 -2.98 4.20
C PHE A 176 -6.91 -4.12 5.09
N GLY A 177 -7.19 -5.26 4.49
CA GLY A 177 -7.56 -6.45 5.28
C GLY A 177 -6.44 -6.92 6.20
N THR A 178 -5.19 -6.57 5.84
CA THR A 178 -4.00 -6.98 6.60
C THR A 178 -3.39 -5.78 7.35
N ALA A 179 -4.08 -4.64 7.31
CA ALA A 179 -3.68 -3.47 8.08
C ALA A 179 -4.04 -3.63 9.57
N LYS A 180 -3.48 -2.78 10.42
CA LYS A 180 -3.73 -2.88 11.84
C LYS A 180 -3.93 -1.48 12.43
N VAL A 181 -5.02 -1.27 13.17
CA VAL A 181 -5.17 -0.02 13.91
C VAL A 181 -4.55 -0.23 15.28
N LEU A 182 -3.50 0.51 15.58
CA LEU A 182 -2.87 0.42 16.87
C LEU A 182 -3.69 1.21 17.88
N SER A 183 -3.72 0.72 19.12
CA SER A 183 -4.57 1.32 20.13
C SER A 183 -3.87 2.50 20.77
N PRO A 184 -4.46 3.69 20.68
CA PRO A 184 -3.88 4.86 21.36
C PRO A 184 -3.91 4.64 22.87
N GLU A 185 -5.02 4.09 23.34
CA GLU A 185 -5.27 3.92 24.77
C GLU A 185 -4.14 3.19 25.50
N SER A 186 -3.46 2.26 24.82
CA SER A 186 -2.41 1.50 25.48
C SER A 186 -1.04 1.83 24.92
N LYS A 187 -0.97 2.91 24.13
CA LYS A 187 0.27 3.36 23.49
C LYS A 187 0.92 2.19 22.73
N GLN A 188 0.08 1.40 22.07
CA GLN A 188 0.49 0.19 21.34
C GLN A 188 1.41 0.57 20.20
N ALA A 189 2.59 -0.06 20.14
CA ALA A 189 3.55 0.20 19.06
C ALA A 189 3.71 -0.99 18.13
N ARG A 190 3.48 -2.20 18.64
CA ARG A 190 3.73 -3.43 17.91
C ARG A 190 2.46 -4.29 17.74
N ALA A 191 2.38 -4.99 16.60
CA ALA A 191 1.23 -5.84 16.26
C ALA A 191 1.73 -7.26 15.96
N ASN A 192 0.92 -8.28 16.24
CA ASN A 192 1.43 -9.66 16.29
C ASN A 192 0.98 -10.62 15.19
N SEP A 193 0.07 -10.18 14.33
CA SEP A 193 -0.36 -11.03 13.22
CB SEP A 193 -1.61 -10.49 12.60
OG SEP A 193 -2.59 -10.36 13.60
C SEP A 193 0.73 -11.12 12.17
O SEP A 193 1.35 -10.11 11.79
P SEP A 193 -3.00 -8.83 13.89
O1P SEP A 193 -3.75 -8.19 12.63
O2P SEP A 193 -4.01 -8.86 15.13
O3P SEP A 193 -1.74 -7.99 14.33
N PHE A 194 0.98 -12.35 11.71
CA PHE A 194 2.02 -12.53 10.71
C PHE A 194 1.40 -12.39 9.32
N VAL A 195 1.52 -11.22 8.74
CA VAL A 195 0.93 -10.90 7.45
C VAL A 195 1.94 -10.16 6.56
N GLY A 196 1.64 -10.07 5.27
CA GLY A 196 2.47 -9.30 4.34
C GLY A 196 2.91 -10.18 3.18
N THR A 197 3.91 -9.69 2.43
CA THR A 197 4.38 -10.33 1.20
C THR A 197 5.88 -10.48 1.36
N ALA A 198 6.39 -11.69 1.14
CA ALA A 198 7.80 -11.99 1.48
C ALA A 198 8.80 -10.93 1.03
N GLN A 199 8.70 -10.45 -0.22
CA GLN A 199 9.73 -9.52 -0.69
C GLN A 199 9.79 -8.22 0.11
N TYR A 200 8.68 -7.85 0.75
CA TYR A 200 8.58 -6.54 1.44
C TYR A 200 8.49 -6.65 2.95
N VAL A 201 8.52 -7.87 3.48
CA VAL A 201 8.40 -8.05 4.95
C VAL A 201 9.62 -7.54 5.68
N SER A 202 9.38 -6.96 6.84
CA SER A 202 10.44 -6.31 7.58
C SER A 202 11.19 -7.34 8.40
N PRO A 203 12.48 -7.10 8.70
CA PRO A 203 13.23 -8.02 9.55
C PRO A 203 12.63 -8.24 10.92
N GLU A 204 12.03 -7.19 11.51
CA GLU A 204 11.44 -7.34 12.86
C GLU A 204 10.30 -8.35 12.86
N LEU A 205 9.52 -8.36 11.78
CA LEU A 205 8.46 -9.34 11.68
C LEU A 205 9.05 -10.75 11.59
N LEU A 206 10.19 -10.90 10.93
CA LEU A 206 10.81 -12.25 10.88
C LEU A 206 11.47 -12.68 12.18
N THR A 207 12.12 -11.73 12.86
CA THR A 207 12.90 -12.06 14.05
C THR A 207 12.13 -11.88 15.36
N GLU A 208 11.44 -10.74 15.50
CA GLU A 208 10.73 -10.42 16.74
C GLU A 208 9.28 -10.87 16.68
N LYS A 209 8.83 -11.28 15.49
CA LYS A 209 7.48 -11.75 15.25
C LYS A 209 6.42 -10.66 15.48
N SER A 210 6.80 -9.39 15.31
CA SER A 210 5.82 -8.30 15.35
C SER A 210 6.19 -7.22 14.34
N ALA A 211 5.20 -6.43 13.93
CA ALA A 211 5.41 -5.33 13.02
C ALA A 211 5.08 -4.03 13.75
N CYS A 212 5.62 -2.93 13.24
CA CYS A 212 5.34 -1.60 13.79
C CYS A 212 5.19 -0.63 12.61
N LYS A 213 4.86 0.62 12.89
CA LYS A 213 4.76 1.63 11.80
C LYS A 213 6.02 1.67 10.95
N SER A 214 7.18 1.52 11.59
CA SER A 214 8.47 1.50 10.88
C SER A 214 8.59 0.32 9.89
N SER A 215 7.83 -0.76 10.11
CA SER A 215 7.79 -1.85 9.14
C SER A 215 7.35 -1.34 7.76
N ASP A 216 6.43 -0.37 7.71
CA ASP A 216 6.02 0.25 6.42
C ASP A 216 7.15 1.05 5.75
N LEU A 217 8.06 1.63 6.54
CA LEU A 217 9.18 2.41 6.01
C LEU A 217 10.21 1.49 5.40
N TRP A 218 10.33 0.30 5.96
CA TRP A 218 11.15 -0.75 5.34
C TRP A 218 10.61 -1.07 3.95
N ALA A 219 9.30 -1.34 3.87
CA ALA A 219 8.65 -1.59 2.61
C ALA A 219 8.80 -0.42 1.62
N LEU A 220 8.72 0.81 2.14
CA LEU A 220 8.93 2.01 1.31
C LEU A 220 10.32 1.98 0.66
N GLY A 221 11.34 1.66 1.46
CA GLY A 221 12.70 1.48 0.95
C GLY A 221 12.79 0.46 -0.17
N CYS A 222 12.18 -0.73 0.02
CA CYS A 222 12.09 -1.76 -1.02
C CYS A 222 11.42 -1.22 -2.30
N ILE A 223 10.36 -0.44 -2.14
CA ILE A 223 9.62 0.12 -3.29
C ILE A 223 10.43 1.20 -4.02
N ILE A 224 11.07 2.09 -3.30
CA ILE A 224 11.91 3.07 -3.97
C ILE A 224 13.00 2.32 -4.75
N TYR A 225 13.63 1.35 -4.11
CA TYR A 225 14.65 0.56 -4.80
C TYR A 225 14.07 -0.08 -6.07
N GLN A 226 12.89 -0.65 -5.96
CA GLN A 226 12.27 -1.30 -7.11
C GLN A 226 11.91 -0.35 -8.26
N LEU A 227 11.44 0.84 -7.93
CA LEU A 227 11.16 1.86 -8.96
C LEU A 227 12.39 2.16 -9.80
N VAL A 228 13.55 2.25 -9.17
CA VAL A 228 14.77 2.61 -9.89
C VAL A 228 15.45 1.39 -10.55
N ALA A 229 15.55 0.29 -9.80
CA ALA A 229 16.32 -0.90 -10.23
C ALA A 229 15.49 -1.87 -11.10
N GLY A 230 14.17 -1.74 -11.04
CA GLY A 230 13.28 -2.66 -11.75
C GLY A 230 12.80 -3.86 -10.95
N LEU A 231 13.57 -4.25 -9.93
CA LEU A 231 13.19 -5.39 -9.09
C LEU A 231 13.36 -5.00 -7.63
N PRO A 232 12.62 -5.64 -6.70
CA PRO A 232 12.82 -5.29 -5.30
C PRO A 232 14.17 -5.82 -4.84
N PRO A 233 14.69 -5.34 -3.69
CA PRO A 233 16.09 -5.64 -3.35
C PRO A 233 16.39 -7.05 -2.90
N PHE A 234 15.43 -7.69 -2.23
CA PHE A 234 15.58 -9.07 -1.72
C PHE A 234 14.72 -9.95 -2.61
N ARG A 235 15.39 -10.68 -3.49
CA ARG A 235 14.77 -11.35 -4.63
C ARG A 235 15.21 -12.77 -4.50
N ALA A 236 14.32 -13.72 -4.72
CA ALA A 236 14.75 -15.11 -4.82
C ALA A 236 13.57 -15.89 -5.26
N GLY A 237 13.84 -17.12 -5.61
CA GLY A 237 12.83 -17.99 -6.15
C GLY A 237 11.85 -18.51 -5.14
N ASN A 238 12.15 -18.36 -3.86
CA ASN A 238 11.18 -18.75 -2.85
C ASN A 238 11.33 -17.94 -1.58
N GLU A 239 10.27 -17.98 -0.78
CA GLU A 239 10.15 -17.16 0.43
C GLU A 239 11.29 -17.36 1.42
N GLY A 240 11.66 -18.60 1.67
CA GLY A 240 12.64 -18.89 2.71
C GLY A 240 13.97 -18.24 2.38
N LEU A 241 14.36 -18.30 1.10
CA LEU A 241 15.62 -17.65 0.66
C LEU A 241 15.54 -16.12 0.78
N ILE A 242 14.38 -15.57 0.45
CA ILE A 242 14.16 -14.13 0.63
C ILE A 242 14.31 -13.76 2.12
N PHE A 243 13.66 -14.53 3.01
CA PHE A 243 13.77 -14.26 4.46
C PHE A 243 15.20 -14.25 4.93
N ALA A 244 15.98 -15.26 4.53
CA ALA A 244 17.37 -15.33 4.94
C ALA A 244 18.17 -14.12 4.47
N LYS A 245 17.85 -13.58 3.30
CA LYS A 245 18.54 -12.38 2.82
C LYS A 245 18.10 -11.14 3.59
N ILE A 246 16.83 -11.06 3.93
CA ILE A 246 16.28 -9.87 4.63
C ILE A 246 17.01 -9.71 5.94
N ILE A 247 17.13 -10.79 6.69
CA ILE A 247 17.65 -10.65 8.05
C ILE A 247 19.14 -10.35 8.06
N LYS A 248 19.81 -10.59 6.94
CA LYS A 248 21.23 -10.32 6.82
C LYS A 248 21.47 -9.00 6.09
N LEU A 249 20.38 -8.35 5.67
CA LEU A 249 20.44 -7.15 4.84
C LEU A 249 21.30 -7.45 3.61
N GLU A 250 20.99 -8.54 2.94
CA GLU A 250 21.78 -9.01 1.83
C GLU A 250 21.18 -8.48 0.54
N TYR A 251 21.68 -7.32 0.11
CA TYR A 251 21.26 -6.73 -1.15
C TYR A 251 22.37 -5.77 -1.60
N ASP A 252 22.34 -5.36 -2.86
CA ASP A 252 23.26 -4.37 -3.37
C ASP A 252 22.58 -3.51 -4.43
N PHE A 253 23.15 -2.35 -4.71
CA PHE A 253 22.63 -1.46 -5.75
C PHE A 253 23.22 -1.75 -7.15
N PRO A 254 22.38 -1.63 -8.21
CA PRO A 254 22.93 -1.69 -9.55
C PRO A 254 23.81 -0.47 -9.80
N GLU A 255 24.61 -0.47 -10.86
CA GLU A 255 25.29 0.77 -11.28
C GLU A 255 24.25 1.79 -11.78
N LYS A 256 24.50 3.07 -11.59
CA LYS A 256 23.61 4.13 -12.12
C LYS A 256 22.36 4.40 -11.27
N PHE A 257 22.29 3.80 -10.09
CA PHE A 257 21.25 4.14 -9.13
C PHE A 257 21.44 5.60 -8.69
N PHE A 258 20.36 6.38 -8.76
CA PHE A 258 20.47 7.82 -8.48
C PHE A 258 21.02 8.02 -7.08
N PRO A 259 22.16 8.75 -6.95
CA PRO A 259 22.82 8.86 -5.66
C PRO A 259 21.92 9.32 -4.51
N LYS A 260 21.04 10.30 -4.73
CA LYS A 260 20.18 10.78 -3.64
C LYS A 260 19.13 9.74 -3.25
N ALA A 261 18.63 8.98 -4.22
CA ALA A 261 17.74 7.85 -3.93
C ALA A 261 18.49 6.78 -3.18
N ARG A 262 19.73 6.51 -3.57
CA ARG A 262 20.49 5.47 -2.87
C ARG A 262 20.66 5.83 -1.39
N ASP A 263 21.03 7.08 -1.12
CA ASP A 263 21.18 7.53 0.27
C ASP A 263 19.89 7.29 1.07
N LEU A 264 18.76 7.62 0.45
CA LEU A 264 17.45 7.47 1.08
C LEU A 264 17.12 6.01 1.34
N VAL A 265 17.35 5.14 0.35
CA VAL A 265 17.11 3.69 0.53
C VAL A 265 17.96 3.15 1.68
N GLU A 266 19.22 3.55 1.75
CA GLU A 266 20.11 3.07 2.82
C GLU A 266 19.66 3.54 4.20
N LYS A 267 18.92 4.65 4.23
CA LYS A 267 18.35 5.13 5.49
C LYS A 267 17.01 4.53 5.88
N LEU A 268 16.44 3.74 4.98
CA LEU A 268 15.18 3.06 5.21
C LEU A 268 15.37 1.56 5.41
N LEU A 269 16.22 0.94 4.59
CA LEU A 269 16.56 -0.47 4.73
C LEU A 269 17.60 -0.62 5.83
N VAL A 270 17.13 -0.46 7.07
CA VAL A 270 17.99 -0.53 8.24
C VAL A 270 17.41 -1.63 9.10
N LEU A 271 18.22 -2.56 9.58
CA LEU A 271 17.66 -3.68 10.36
C LEU A 271 16.97 -3.22 11.62
N ASP A 272 17.57 -2.26 12.31
CA ASP A 272 16.99 -1.77 13.54
C ASP A 272 15.84 -0.85 13.21
N ALA A 273 14.62 -1.29 13.52
CA ALA A 273 13.41 -0.56 13.18
C ALA A 273 13.30 0.85 13.78
N THR A 274 14.08 1.12 14.82
CA THR A 274 14.05 2.42 15.47
C THR A 274 15.06 3.37 14.86
N LYS A 275 15.73 2.93 13.80
CA LYS A 275 16.72 3.76 13.14
C LYS A 275 16.40 4.08 11.68
N ARG A 276 15.14 3.87 11.28
CA ARG A 276 14.71 4.16 9.92
C ARG A 276 14.22 5.60 9.81
N LEU A 277 14.64 6.29 8.75
CA LEU A 277 14.24 7.68 8.53
C LEU A 277 12.74 7.72 8.39
N GLY A 278 12.10 8.55 9.22
CA GLY A 278 10.65 8.63 9.25
C GLY A 278 9.98 7.93 10.43
N CYS A 279 10.69 7.07 11.15
CA CYS A 279 10.06 6.36 12.25
C CYS A 279 9.94 7.27 13.50
N GLU A 280 9.11 6.89 14.45
CA GLU A 280 8.88 7.77 15.62
C GLU A 280 10.15 8.07 16.40
N GLU A 281 11.04 7.07 16.51
CA GLU A 281 12.27 7.24 17.27
C GLU A 281 13.27 8.13 16.54
N MET A 282 13.06 8.34 15.25
CA MET A 282 13.91 9.26 14.46
C MET A 282 13.18 10.57 14.21
N GLU A 283 12.13 10.78 15.00
CA GLU A 283 11.39 12.04 15.07
C GLU A 283 10.47 12.31 13.87
N GLY A 284 10.04 11.24 13.21
CA GLY A 284 8.89 11.31 12.34
C GLY A 284 9.12 11.74 10.91
N TYR A 285 8.06 12.22 10.31
CA TYR A 285 8.06 12.53 8.88
C TYR A 285 8.76 13.80 8.47
N GLY A 286 8.94 14.74 9.38
CA GLY A 286 9.64 15.98 9.03
C GLY A 286 11.04 15.69 8.48
N PRO A 287 11.86 14.92 9.22
CA PRO A 287 13.19 14.60 8.73
C PRO A 287 13.19 13.78 7.44
N LEU A 288 12.17 12.93 7.26
CA LEU A 288 12.06 12.15 6.03
C LEU A 288 11.76 13.04 4.83
N LYS A 289 10.75 13.89 4.97
CA LYS A 289 10.36 14.84 3.92
C LYS A 289 11.48 15.82 3.58
N ALA A 290 12.34 16.09 4.56
CA ALA A 290 13.47 16.98 4.38
C ALA A 290 14.70 16.37 3.70
N HIS A 291 14.65 15.06 3.38
CA HIS A 291 15.83 14.38 2.79
C HIS A 291 16.13 15.02 1.43
N PRO A 292 17.42 15.20 1.08
CA PRO A 292 17.77 15.83 -0.20
C PRO A 292 17.09 15.27 -1.44
N PHE A 293 16.67 14.01 -1.39
CA PHE A 293 15.98 13.41 -2.54
C PHE A 293 14.67 14.17 -2.88
N PHE A 294 14.06 14.79 -1.87
CA PHE A 294 12.79 15.46 -2.03
C PHE A 294 12.97 16.96 -2.11
N GLU A 295 14.18 17.44 -2.35
CA GLU A 295 14.45 18.88 -2.41
C GLU A 295 13.44 19.65 -3.27
N SER A 296 13.13 19.16 -4.47
CA SER A 296 12.20 19.89 -5.38
C SER A 296 10.70 19.78 -5.07
N VAL A 297 10.33 18.88 -4.17
CA VAL A 297 8.92 18.53 -3.89
C VAL A 297 8.16 19.60 -3.12
N THR A 298 7.01 19.99 -3.67
CA THR A 298 6.02 20.80 -2.94
C THR A 298 5.03 19.83 -2.31
N TRP A 299 5.22 19.60 -1.02
CA TRP A 299 4.42 18.58 -0.31
C TRP A 299 2.94 18.92 -0.25
N GLU A 300 2.65 20.20 -0.09
CA GLU A 300 1.33 20.69 0.28
C GLU A 300 0.26 20.41 -0.74
N ASN A 301 0.60 20.33 -2.01
CA ASN A 301 -0.44 20.23 -3.01
C ASN A 301 -0.24 19.07 -3.97
N LEU A 302 0.54 18.07 -3.55
CA LEU A 302 0.88 16.92 -4.39
C LEU A 302 -0.33 16.38 -5.17
N HIS A 303 -1.47 16.28 -4.52
CA HIS A 303 -2.59 15.61 -5.17
C HIS A 303 -3.28 16.47 -6.22
N GLN A 304 -2.94 17.75 -6.28
CA GLN A 304 -3.43 18.63 -7.34
C GLN A 304 -2.38 18.94 -8.43
N GLN A 305 -1.16 18.46 -8.22
CA GLN A 305 -0.11 18.63 -9.23
C GLN A 305 -0.34 17.61 -10.33
N THR A 306 0.08 17.92 -11.56
CA THR A 306 0.01 16.96 -12.67
C THR A 306 1.19 16.04 -12.54
N PRO A 307 0.96 14.71 -12.41
CA PRO A 307 2.11 13.81 -12.27
C PRO A 307 3.01 13.81 -13.51
N PRO A 308 4.33 13.56 -13.33
CA PRO A 308 5.19 13.53 -14.48
C PRO A 308 4.87 12.32 -15.36
N LYS A 309 4.97 12.50 -16.67
CA LYS A 309 4.74 11.42 -17.63
C LYS A 309 5.77 10.29 -17.46
N LEU A 310 5.27 9.07 -17.39
CA LEU A 310 6.13 7.93 -17.10
C LEU A 310 7.17 7.58 -18.18
N THR A 311 8.23 6.99 -17.66
CA THR A 311 9.55 6.80 -18.23
C THR A 311 10.52 7.10 -17.07
PG ATP B . -5.50 -11.37 -2.28
O1G ATP B . -6.74 -11.07 -1.45
O2G ATP B . -5.44 -12.79 -2.80
O3G ATP B . -4.19 -10.87 -1.70
PB ATP B . -6.07 -9.01 -3.83
O1B ATP B . -5.52 -8.68 -5.21
O2B ATP B . -5.66 -8.29 -2.58
O3B ATP B . -5.64 -10.56 -3.65
PA ATP B . -8.70 -7.83 -4.14
O1A ATP B . -10.07 -8.42 -4.40
O2A ATP B . -8.51 -6.81 -3.03
O3A ATP B . -7.69 -9.07 -3.89
O5' ATP B . -8.17 -7.11 -5.47
C5' ATP B . -8.01 -7.86 -6.66
C4' ATP B . -7.49 -6.93 -7.74
O4' ATP B . -8.52 -6.04 -8.15
C3' ATP B . -6.37 -6.00 -7.30
O3' ATP B . -5.09 -6.63 -7.31
C2' ATP B . -6.49 -4.85 -8.28
O2' ATP B . -5.85 -5.14 -9.53
C1' ATP B . -7.98 -4.78 -8.52
N9 ATP B . -8.60 -3.72 -7.67
C8 ATP B . -8.83 -3.78 -6.33
N7 ATP B . -9.42 -2.63 -5.91
C5 ATP B . -9.56 -1.82 -6.97
C6 ATP B . -10.08 -0.46 -7.24
N6 ATP B . -10.57 0.28 -6.23
N1 ATP B . -10.04 0.02 -8.51
C2 ATP B . -9.54 -0.71 -9.52
N3 ATP B . -9.04 -1.95 -9.35
C4 ATP B . -9.03 -2.54 -8.13
OAA P47 C . -21.09 -3.27 6.45
CAP P47 C . -22.17 -3.90 6.32
OAB P47 C . -23.19 -3.44 5.72
CAD P47 C . -22.30 -5.26 6.87
CAQ P47 C . -21.45 -6.27 6.64
CAT P47 C . -20.25 -6.11 5.75
CAK P47 C . -18.95 -6.23 6.28
CAG P47 C . -17.84 -6.09 5.45
CAE P47 C . -18.04 -5.79 4.10
CAF P47 C . -19.31 -5.66 3.57
CAJ P47 C . -20.41 -5.82 4.39
CAN P47 C . -21.80 -7.59 7.30
CAO P47 C . -20.79 -8.15 8.29
CAS P47 C . -20.63 -9.61 7.92
CAL P47 C . -19.35 -10.16 7.86
CAM P47 C . -21.76 -10.39 7.62
CAI P47 C . -21.60 -11.73 7.27
CAR P47 C . -20.31 -12.27 7.20
CLAC P47 C . -20.09 -13.98 6.75
CAH P47 C . -19.19 -11.50 7.50
N1 EPE D . 24.72 13.49 -3.57
C2 EPE D . 24.54 14.49 -2.51
C3 EPE D . 23.20 14.24 -1.82
N4 EPE D . 23.18 12.85 -1.26
C5 EPE D . 23.68 11.77 -2.15
C6 EPE D . 24.94 12.17 -2.94
C7 EPE D . 21.78 12.52 -1.11
C8 EPE D . 21.39 12.58 0.28
O8 EPE D . 22.52 12.97 0.97
C9 EPE D . 25.79 13.85 -4.52
C10 EPE D . 25.14 14.25 -5.86
N1 EPE E . 9.18 -9.43 -14.09
C2 EPE E . 9.25 -8.51 -12.91
C3 EPE E . 9.58 -7.04 -13.28
N4 EPE E . 10.71 -6.93 -14.23
C5 EPE E . 11.26 -8.23 -14.62
C6 EPE E . 10.13 -9.12 -15.15
C7 EPE E . 10.31 -6.20 -15.45
C8 EPE E . 11.22 -4.99 -15.72
O8 EPE E . 11.64 -4.39 -14.49
C9 EPE E . 7.83 -9.63 -14.68
C10 EPE E . 7.14 -10.89 -14.13
#